data_3HMZ
#
_entry.id   3HMZ
#
_cell.length_a   74.627
_cell.length_b   74.627
_cell.length_c   74.107
_cell.angle_alpha   90.000
_cell.angle_beta   90.000
_cell.angle_gamma   120.000
#
_symmetry.space_group_name_H-M   'P 31 2 1'
#
loop_
_entity.id
_entity.type
_entity.pdbx_description
1 polymer 'Flavin reductase domain protein, FMN-binding'
2 non-polymer 'FLAVIN MONONUCLEOTIDE'
3 non-polymer 'UNKNOWN LIGAND'
4 non-polymer IMIDAZOLE
5 non-polymer 1,2-ETHANEDIOL
6 water water
#
_entity_poly.entity_id   1
_entity_poly.type   'polypeptide(L)'
_entity_poly.pdbx_seq_one_letter_code
;G(MSE)HHQRKTHVDNNIAAVELAKAYRLLNHGPTVLVSARSQGIDNV(MSE)AAAWCCALDFAPPKLTVVLDK(MSE)T
KTREFIEQSG(MSE)FVIQVPTVAQLQLTHRVGSQSLADDANKLLNCGVELFE(MSE)AGHDLPFVAGCSAWLACKLIPE
PNNQLQYDLFIAEVIGAWADTQVFNHGHWHFDTAPADKRSLHYIAGGQFYAIGESFNAD
;
_entity_poly.pdbx_strand_id   A
#
# COMPACT_ATOMS: atom_id res chain seq x y z
N HIS A 9 16.88 16.39 2.00
CA HIS A 9 16.53 16.44 3.46
C HIS A 9 16.64 15.06 4.21
N VAL A 10 16.42 15.12 5.53
CA VAL A 10 16.56 13.99 6.47
C VAL A 10 15.60 12.83 6.17
N ASP A 11 15.97 11.66 6.68
CA ASP A 11 15.11 10.49 6.60
C ASP A 11 13.76 10.75 7.22
N ASN A 12 12.73 10.14 6.62
CA ASN A 12 11.39 10.28 7.16
C ASN A 12 11.34 9.61 8.53
N ASN A 13 10.65 10.26 9.46
CA ASN A 13 10.47 9.73 10.79
C ASN A 13 9.22 8.81 10.78
N ILE A 14 9.44 7.53 11.02
CA ILE A 14 8.37 6.50 11.04
CA ILE A 14 8.35 6.54 11.03
C ILE A 14 7.94 6.25 12.48
N ALA A 15 6.64 6.23 12.71
CA ALA A 15 6.07 5.90 14.01
C ALA A 15 5.00 4.83 13.79
N ALA A 16 4.78 4.02 14.81
CA ALA A 16 3.63 3.14 14.82
C ALA A 16 2.34 4.00 14.85
N VAL A 17 1.32 3.43 14.22
CA VAL A 17 -0.03 3.97 14.23
C VAL A 17 -0.82 3.01 15.10
N GLU A 18 -1.42 3.55 16.16
CA GLU A 18 -2.29 2.78 17.05
C GLU A 18 -3.18 1.89 16.16
N LEU A 19 -3.22 0.59 16.44
CA LEU A 19 -3.91 -0.35 15.56
C LEU A 19 -5.39 0.01 15.31
N ALA A 20 -6.05 0.51 16.35
CA ALA A 20 -7.44 0.96 16.28
C ALA A 20 -7.67 2.16 15.35
N LYS A 21 -6.60 2.87 14.95
CA LYS A 21 -6.70 3.98 13.99
C LYS A 21 -6.13 3.65 12.63
N ALA A 22 -5.58 2.44 12.46
CA ALA A 22 -4.97 2.03 11.19
C ALA A 22 -5.90 2.21 9.97
N TYR A 23 -7.20 1.99 10.17
CA TYR A 23 -8.16 2.14 9.05
C TYR A 23 -8.12 3.55 8.43
N ARG A 24 -7.74 4.54 9.24
CA ARG A 24 -7.68 5.93 8.74
C ARG A 24 -6.63 6.14 7.65
N LEU A 25 -5.64 5.25 7.61
CA LEU A 25 -4.60 5.32 6.61
C LEU A 25 -5.17 5.10 5.19
N LEU A 26 -6.31 4.40 5.09
CA LEU A 26 -6.91 4.09 3.81
C LEU A 26 -8.27 4.74 3.60
N ASN A 27 -8.76 5.51 4.57
CA ASN A 27 -10.16 5.95 4.55
C ASN A 27 -10.51 6.87 3.39
N HIS A 28 -9.52 7.65 2.96
CA HIS A 28 -9.68 8.56 1.84
C HIS A 28 -9.53 7.87 0.46
N GLY A 29 -9.39 6.54 0.45
CA GLY A 29 -9.37 5.73 -0.75
C GLY A 29 -8.17 5.88 -1.67
N PRO A 30 -6.95 5.94 -1.11
CA PRO A 30 -5.80 6.04 -2.00
C PRO A 30 -5.54 4.74 -2.77
N THR A 31 -4.89 4.89 -3.91
CA THR A 31 -4.30 3.78 -4.62
C THR A 31 -3.08 3.37 -3.79
N VAL A 32 -2.88 2.06 -3.64
CA VAL A 32 -1.83 1.52 -2.82
C VAL A 32 -0.84 0.70 -3.58
N LEU A 33 0.26 0.37 -2.91
CA LEU A 33 1.18 -0.66 -3.42
C LEU A 33 0.98 -1.89 -2.54
N VAL A 34 0.89 -3.05 -3.18
CA VAL A 34 0.77 -4.35 -2.51
C VAL A 34 2.13 -5.02 -2.66
N SER A 35 2.73 -5.37 -1.53
CA SER A 35 4.00 -6.12 -1.56
C SER A 35 3.88 -7.44 -0.83
N ALA A 36 4.71 -8.40 -1.25
CA ALA A 36 4.67 -9.74 -0.70
C ALA A 36 5.98 -10.45 -0.98
N ARG A 37 6.21 -11.49 -0.19
CA ARG A 37 7.38 -12.33 -0.30
C ARG A 37 6.99 -13.81 -0.36
N SER A 38 7.69 -14.55 -1.22
CA SER A 38 7.47 -16.01 -1.28
C SER A 38 8.79 -16.65 -1.63
N GLN A 39 9.20 -17.61 -0.79
CA GLN A 39 10.45 -18.37 -0.95
CA GLN A 39 10.45 -18.37 -1.02
C GLN A 39 11.62 -17.41 -1.20
N GLY A 40 11.66 -16.36 -0.38
CA GLY A 40 12.70 -15.34 -0.43
C GLY A 40 12.70 -14.32 -1.55
N ILE A 41 11.70 -14.34 -2.40
CA ILE A 41 11.60 -13.43 -3.53
C ILE A 41 10.50 -12.42 -3.18
N ASP A 42 10.79 -11.16 -3.40
CA ASP A 42 9.87 -10.05 -3.13
C ASP A 42 9.22 -9.54 -4.40
N ASN A 43 8.03 -8.98 -4.23
CA ASN A 43 7.36 -8.34 -5.31
C ASN A 43 6.48 -7.20 -4.81
N VAL A 44 6.22 -6.29 -5.72
CA VAL A 44 5.37 -5.13 -5.47
C VAL A 44 4.51 -4.92 -6.75
N ALA A 46 0.78 -2.38 -8.06
CA ALA A 46 -0.16 -1.30 -7.74
C ALA A 46 -1.57 -1.89 -7.61
N ALA A 47 -2.32 -1.39 -6.63
CA ALA A 47 -3.74 -1.74 -6.48
C ALA A 47 -4.58 -0.52 -6.15
N ALA A 48 -5.49 -0.15 -7.06
CA ALA A 48 -6.50 0.84 -6.72
C ALA A 48 -7.63 0.24 -5.87
N TRP A 49 -7.88 -1.07 -6.03
CA TRP A 49 -9.06 -1.71 -5.41
C TRP A 49 -8.77 -2.34 -4.08
N CYS A 50 -8.33 -1.50 -3.15
CA CYS A 50 -8.01 -1.86 -1.78
C CYS A 50 -8.85 -0.96 -0.89
N CYS A 51 -9.58 -1.54 0.06
CA CYS A 51 -10.52 -0.78 0.88
C CYS A 51 -10.54 -1.30 2.31
N ALA A 52 -10.67 -0.39 3.28
CA ALA A 52 -10.88 -0.79 4.66
C ALA A 52 -12.15 -1.66 4.76
N LEU A 53 -12.11 -2.57 5.70
CA LEU A 53 -13.21 -3.52 5.95
C LEU A 53 -13.71 -3.51 7.40
N ASP A 54 -12.82 -3.26 8.36
CA ASP A 54 -13.23 -3.15 9.76
C ASP A 54 -12.25 -2.26 10.52
N PHE A 55 -12.71 -1.76 11.66
CA PHE A 55 -11.97 -0.84 12.52
C PHE A 55 -11.10 -1.50 13.58
N ALA A 56 -11.67 -2.43 14.32
CA ALA A 56 -11.02 -2.93 15.53
C ALA A 56 -11.48 -4.34 15.79
N PRO A 57 -10.62 -5.33 15.50
CA PRO A 57 -9.28 -5.21 14.92
C PRO A 57 -9.42 -4.81 13.45
N PRO A 58 -8.46 -4.00 12.94
CA PRO A 58 -8.57 -3.60 11.54
C PRO A 58 -8.53 -4.74 10.53
N LYS A 59 -9.28 -4.58 9.45
CA LYS A 59 -9.27 -5.49 8.31
C LYS A 59 -9.40 -4.65 7.04
N LEU A 60 -8.99 -5.28 5.96
CA LEU A 60 -9.12 -4.67 4.63
C LEU A 60 -9.38 -5.71 3.56
N THR A 61 -9.86 -5.22 2.43
CA THR A 61 -10.05 -6.02 1.25
C THR A 61 -9.08 -5.54 0.18
N VAL A 62 -8.69 -6.45 -0.72
CA VAL A 62 -7.96 -6.07 -1.93
C VAL A 62 -8.35 -7.05 -3.05
N VAL A 63 -8.51 -6.52 -4.24
CA VAL A 63 -8.84 -7.30 -5.42
C VAL A 63 -7.54 -7.57 -6.16
N LEU A 64 -7.23 -8.85 -6.38
CA LEU A 64 -5.98 -9.26 -7.02
C LEU A 64 -6.28 -10.14 -8.21
N ASP A 65 -5.94 -9.67 -9.40
CA ASP A 65 -6.22 -10.41 -10.62
C ASP A 65 -5.42 -11.74 -10.63
N LYS A 66 -6.06 -12.77 -11.16
CA LYS A 66 -5.42 -14.08 -11.30
C LYS A 66 -4.09 -14.09 -12.07
N THR A 68 -1.71 -11.93 -11.75
CA THR A 68 -0.60 -11.30 -11.04
C THR A 68 0.31 -12.22 -10.25
N LYS A 69 1.61 -11.97 -10.34
CA LYS A 69 2.59 -12.74 -9.58
C LYS A 69 2.40 -12.45 -8.09
N THR A 70 2.06 -11.21 -7.75
CA THR A 70 1.83 -10.88 -6.34
C THR A 70 0.72 -11.73 -5.70
N ARG A 71 -0.36 -11.97 -6.45
CA ARG A 71 -1.42 -12.85 -5.93
C ARG A 71 -0.87 -14.25 -5.57
N GLU A 72 -0.05 -14.77 -6.47
CA GLU A 72 0.56 -16.10 -6.21
C GLU A 72 1.35 -16.09 -4.90
N PHE A 73 2.14 -15.04 -4.70
CA PHE A 73 2.94 -14.92 -3.48
C PHE A 73 2.07 -14.86 -2.24
N ILE A 74 0.97 -14.08 -2.34
CA ILE A 74 0.02 -13.98 -1.22
C ILE A 74 -0.66 -15.33 -0.90
N GLU A 75 -1.04 -16.05 -1.94
CA GLU A 75 -1.67 -17.36 -1.77
C GLU A 75 -0.70 -18.32 -1.11
N GLN A 76 0.57 -18.23 -1.48
CA GLN A 76 1.60 -19.12 -0.93
CA GLN A 76 1.61 -19.11 -0.92
C GLN A 76 1.99 -18.74 0.49
N SER A 77 2.17 -17.45 0.78
CA SER A 77 2.64 -17.03 2.10
C SER A 77 1.59 -16.61 3.12
N GLY A 78 0.43 -16.18 2.65
CA GLY A 78 -0.64 -15.69 3.52
C GLY A 78 -0.40 -14.34 4.20
N PHE A 80 1.09 -10.05 3.46
CA PHE A 80 1.45 -8.99 2.53
C PHE A 80 1.46 -7.67 3.26
N VAL A 81 1.97 -6.64 2.56
CA VAL A 81 1.96 -5.28 3.06
C VAL A 81 1.15 -4.44 2.05
N ILE A 82 0.32 -3.58 2.62
CA ILE A 82 -0.40 -2.52 1.87
C ILE A 82 0.25 -1.23 2.30
N GLN A 83 0.68 -0.43 1.34
CA GLN A 83 1.34 0.82 1.64
C GLN A 83 0.85 1.92 0.70
N VAL A 84 0.88 3.14 1.22
CA VAL A 84 0.33 4.31 0.55
C VAL A 84 1.44 5.08 -0.13
N PRO A 85 1.51 5.05 -1.46
CA PRO A 85 2.54 5.80 -2.17
C PRO A 85 2.23 7.30 -2.18
N THR A 86 3.24 8.06 -2.53
CA THR A 86 3.19 9.50 -2.60
C THR A 86 3.22 9.98 -4.05
N VAL A 87 2.90 11.24 -4.24
CA VAL A 87 3.03 11.91 -5.56
C VAL A 87 4.47 11.76 -6.09
N ALA A 88 5.47 11.83 -5.20
CA ALA A 88 6.89 11.60 -5.58
C ALA A 88 7.10 10.24 -6.23
N GLN A 89 6.26 9.27 -5.86
CA GLN A 89 6.29 7.90 -6.36
C GLN A 89 5.30 7.66 -7.51
N LEU A 90 4.93 8.73 -8.23
CA LEU A 90 4.02 8.61 -9.37
C LEU A 90 4.52 7.59 -10.42
N GLN A 91 5.79 7.75 -10.83
CA GLN A 91 6.33 6.84 -11.87
CA GLN A 91 6.34 6.86 -11.86
C GLN A 91 6.46 5.42 -11.33
N LEU A 92 6.96 5.29 -10.10
CA LEU A 92 7.10 3.99 -9.46
C LEU A 92 5.76 3.25 -9.42
N THR A 93 4.73 3.99 -9.04
CA THR A 93 3.38 3.39 -8.88
C THR A 93 2.85 2.89 -10.21
N HIS A 94 2.97 3.72 -11.21
CA HIS A 94 2.49 3.31 -12.53
C HIS A 94 3.32 2.16 -13.09
N ARG A 95 4.63 2.19 -12.86
CA ARG A 95 5.53 1.15 -13.39
CA ARG A 95 5.53 1.16 -13.39
C ARG A 95 5.27 -0.20 -12.76
N VAL A 96 5.13 -0.25 -11.44
CA VAL A 96 4.87 -1.56 -10.78
C VAL A 96 3.49 -2.11 -11.13
N GLY A 97 2.61 -1.24 -11.60
CA GLY A 97 1.31 -1.63 -12.07
C GLY A 97 1.21 -1.87 -13.58
N SER A 98 2.35 -1.78 -14.28
CA SER A 98 2.41 -1.94 -15.73
CA SER A 98 2.38 -1.96 -15.73
C SER A 98 3.41 -3.01 -16.18
N GLN A 99 4.05 -3.68 -15.23
CA GLN A 99 5.08 -4.70 -15.46
CA GLN A 99 4.95 -4.78 -15.56
C GLN A 99 4.85 -5.83 -14.48
N SER A 100 5.02 -7.08 -14.92
CA SER A 100 4.90 -8.23 -14.02
C SER A 100 6.25 -8.84 -13.74
N LEU A 101 6.44 -9.24 -12.49
CA LEU A 101 7.64 -9.96 -12.08
C LEU A 101 7.80 -11.25 -12.88
N ALA A 102 6.69 -11.85 -13.33
CA ALA A 102 6.77 -13.07 -14.17
C ALA A 102 7.58 -12.84 -15.46
N ASP A 103 7.59 -11.62 -15.98
CA ASP A 103 8.30 -11.26 -17.21
C ASP A 103 9.70 -10.72 -17.05
N ASP A 104 10.09 -10.33 -15.84
CA ASP A 104 11.44 -9.82 -15.60
C ASP A 104 11.72 -9.94 -14.13
N ALA A 105 12.66 -10.81 -13.76
CA ALA A 105 13.08 -11.01 -12.37
C ALA A 105 13.64 -9.75 -11.72
N ASN A 106 14.09 -8.80 -12.54
CA ASN A 106 14.62 -7.52 -12.07
C ASN A 106 13.57 -6.44 -11.99
N LYS A 107 12.28 -6.80 -11.97
CA LYS A 107 11.20 -5.80 -11.89
C LYS A 107 11.48 -4.66 -10.91
N LEU A 108 11.83 -5.03 -9.68
CA LEU A 108 11.98 -4.02 -8.63
C LEU A 108 13.08 -3.02 -8.94
N LEU A 109 14.24 -3.51 -9.42
CA LEU A 109 15.28 -2.53 -9.77
CA LEU A 109 15.33 -2.64 -9.91
C LEU A 109 14.85 -1.72 -11.01
N ASN A 110 14.13 -2.31 -11.97
CA ASN A 110 13.61 -1.59 -13.13
C ASN A 110 12.62 -0.49 -12.79
N CYS A 111 11.81 -0.73 -11.76
CA CYS A 111 10.75 0.18 -11.35
C CYS A 111 11.23 1.20 -10.31
N GLY A 112 12.48 1.10 -9.83
CA GLY A 112 13.04 2.04 -8.84
C GLY A 112 12.52 1.79 -7.43
N VAL A 113 12.14 0.53 -7.13
CA VAL A 113 11.61 0.19 -5.83
C VAL A 113 12.71 -0.19 -4.86
N GLU A 114 12.81 0.56 -3.77
CA GLU A 114 13.73 0.31 -2.66
C GLU A 114 12.91 -0.30 -1.52
N LEU A 115 13.31 -1.48 -1.06
CA LEU A 115 12.61 -2.20 -0.01
C LEU A 115 13.36 -2.13 1.34
N PHE A 116 12.60 -2.28 2.42
CA PHE A 116 13.13 -2.41 3.76
C PHE A 116 12.29 -3.38 4.55
N GLU A 117 12.79 -3.75 5.72
CA GLU A 117 12.11 -4.68 6.64
C GLU A 117 11.80 -3.97 7.93
N ALA A 119 9.81 -4.31 12.07
CA ALA A 119 9.11 -4.98 13.18
C ALA A 119 9.19 -6.53 13.23
N GLY A 120 10.33 -7.12 12.83
CA GLY A 120 10.51 -8.60 12.75
C GLY A 120 9.64 -9.41 11.76
N HIS A 121 8.89 -8.75 10.88
CA HIS A 121 8.04 -9.39 9.87
C HIS A 121 8.93 -9.93 8.75
N ASP A 122 8.52 -11.02 8.13
CA ASP A 122 9.24 -11.55 6.98
C ASP A 122 8.56 -10.99 5.75
N LEU A 123 8.57 -9.66 5.68
CA LEU A 123 7.88 -8.92 4.65
C LEU A 123 8.69 -7.77 4.08
N PRO A 124 8.45 -7.47 2.79
CA PRO A 124 9.07 -6.30 2.17
C PRO A 124 8.16 -5.07 2.29
N PHE A 125 8.73 -3.97 2.74
CA PHE A 125 8.05 -2.69 2.84
C PHE A 125 8.71 -1.74 1.82
N VAL A 126 7.91 -0.89 1.17
CA VAL A 126 8.42 0.02 0.15
C VAL A 126 8.89 1.34 0.77
N ALA A 127 10.16 1.65 0.61
CA ALA A 127 10.71 2.94 1.06
C ALA A 127 10.07 4.11 0.34
N GLY A 128 9.83 5.19 1.07
CA GLY A 128 9.32 6.43 0.52
C GLY A 128 7.81 6.62 0.63
N CYS A 129 7.08 5.55 0.97
CA CYS A 129 5.62 5.65 1.11
C CYS A 129 5.31 6.46 2.38
N SER A 130 4.06 6.87 2.49
CA SER A 130 3.62 7.60 3.67
C SER A 130 3.15 6.70 4.82
N ALA A 131 2.70 5.49 4.49
CA ALA A 131 2.12 4.61 5.50
C ALA A 131 2.19 3.18 5.02
N TRP A 132 2.23 2.25 5.98
CA TRP A 132 2.35 0.83 5.73
C TRP A 132 1.46 0.06 6.69
N LEU A 133 0.80 -0.98 6.19
CA LEU A 133 -0.05 -1.86 6.95
C LEU A 133 0.38 -3.30 6.68
N ALA A 134 0.84 -4.01 7.73
CA ALA A 134 1.19 -5.44 7.65
C ALA A 134 -0.11 -6.24 7.75
N CYS A 135 -0.31 -7.17 6.81
CA CYS A 135 -1.57 -7.88 6.65
C CYS A 135 -1.40 -9.38 6.65
N LYS A 136 -2.32 -10.05 7.34
CA LYS A 136 -2.39 -11.49 7.42
C LYS A 136 -3.68 -11.90 6.70
N LEU A 137 -3.53 -12.67 5.64
CA LEU A 137 -4.66 -13.18 4.88
C LEU A 137 -5.61 -14.02 5.74
N ILE A 138 -6.90 -13.78 5.57
CA ILE A 138 -7.97 -14.64 6.13
C ILE A 138 -8.47 -15.43 4.91
N PRO A 139 -8.04 -16.71 4.74
CA PRO A 139 -8.40 -17.41 3.51
C PRO A 139 -9.90 -17.58 3.30
N GLU A 140 -10.37 -17.22 2.11
CA GLU A 140 -11.78 -17.29 1.73
C GLU A 140 -11.79 -17.83 0.32
N PRO A 141 -11.76 -19.19 0.16
CA PRO A 141 -11.67 -19.75 -1.17
C PRO A 141 -12.65 -19.26 -2.21
N ASN A 142 -13.93 -19.16 -1.86
CA ASN A 142 -14.95 -18.75 -2.83
C ASN A 142 -14.77 -17.31 -3.27
N ASN A 143 -14.52 -16.44 -2.31
CA ASN A 143 -14.30 -15.01 -2.67
C ASN A 143 -13.09 -14.87 -3.59
N GLN A 144 -12.03 -15.61 -3.27
CA GLN A 144 -10.79 -15.49 -4.04
C GLN A 144 -10.92 -16.03 -5.47
N LEU A 145 -11.67 -17.14 -5.62
CA LEU A 145 -11.87 -17.74 -6.93
C LEU A 145 -12.90 -17.00 -7.77
N GLN A 146 -14.06 -16.75 -7.16
CA GLN A 146 -15.20 -16.13 -7.86
CA GLN A 146 -15.22 -16.14 -7.85
C GLN A 146 -15.04 -14.64 -8.13
N TYR A 147 -14.47 -13.92 -7.16
CA TYR A 147 -14.35 -12.45 -7.24
C TYR A 147 -12.96 -11.91 -7.16
N ASP A 148 -11.92 -12.75 -7.10
CA ASP A 148 -10.53 -12.22 -6.96
C ASP A 148 -10.41 -11.32 -5.73
N LEU A 149 -11.22 -11.58 -4.71
CA LEU A 149 -11.37 -10.70 -3.54
C LEU A 149 -10.72 -11.34 -2.34
N PHE A 150 -9.76 -10.62 -1.76
CA PHE A 150 -8.96 -11.08 -0.66
C PHE A 150 -9.23 -10.24 0.56
N ILE A 151 -9.39 -10.87 1.71
CA ILE A 151 -9.62 -10.25 3.02
C ILE A 151 -8.43 -10.50 3.91
N ALA A 152 -8.01 -9.46 4.61
CA ALA A 152 -6.91 -9.62 5.56
C ALA A 152 -7.11 -8.87 6.85
N GLU A 153 -6.51 -9.42 7.91
CA GLU A 153 -6.43 -8.69 9.17
CA GLU A 153 -6.38 -8.75 9.20
C GLU A 153 -5.16 -7.83 9.11
N VAL A 154 -5.28 -6.59 9.58
CA VAL A 154 -4.12 -5.69 9.67
C VAL A 154 -3.53 -5.95 11.06
N ILE A 155 -2.30 -6.42 11.09
CA ILE A 155 -1.59 -6.77 12.33
C ILE A 155 -0.56 -5.77 12.81
N GLY A 156 -0.28 -4.76 11.98
CA GLY A 156 0.64 -3.72 12.34
C GLY A 156 0.46 -2.58 11.36
N ALA A 157 0.71 -1.35 11.85
CA ALA A 157 0.56 -0.16 11.02
C ALA A 157 1.56 0.88 11.44
N TRP A 158 2.10 1.62 10.46
CA TRP A 158 3.13 2.64 10.69
C TRP A 158 2.95 3.73 9.66
N ALA A 159 3.44 4.92 9.96
CA ALA A 159 3.40 6.02 9.02
C ALA A 159 4.48 7.05 9.26
N ASP A 160 4.76 7.79 8.19
CA ASP A 160 5.67 8.94 8.22
C ASP A 160 4.96 10.04 9.00
N THR A 161 5.55 10.44 10.12
CA THR A 161 4.93 11.41 11.00
C THR A 161 4.79 12.81 10.42
N GLN A 162 5.54 13.13 9.37
CA GLN A 162 5.31 14.42 8.71
C GLN A 162 3.96 14.49 7.98
N VAL A 163 3.44 13.32 7.58
CA VAL A 163 2.17 13.36 6.82
CA VAL A 163 2.24 13.18 6.73
C VAL A 163 1.01 12.70 7.54
N PHE A 164 1.25 11.78 8.49
CA PHE A 164 0.20 11.20 9.31
C PHE A 164 0.73 11.06 10.72
N ASN A 165 0.04 11.64 11.68
CA ASN A 165 0.45 11.52 13.08
C ASN A 165 -0.74 11.68 13.99
N HIS A 166 -0.64 11.07 15.17
CA HIS A 166 -1.70 11.11 16.17
C HIS A 166 -3.10 10.83 15.60
N GLY A 167 -3.17 9.83 14.72
CA GLY A 167 -4.40 9.40 14.11
C GLY A 167 -5.00 10.20 12.99
N HIS A 168 -4.29 11.20 12.48
CA HIS A 168 -4.80 12.04 11.39
C HIS A 168 -3.77 12.34 10.33
N TRP A 169 -4.26 12.45 9.10
CA TRP A 169 -3.46 12.91 8.00
C TRP A 169 -3.26 14.41 8.13
N HIS A 170 -2.14 14.87 7.60
CA HIS A 170 -1.77 16.29 7.62
C HIS A 170 -1.25 16.70 6.27
N PHE A 171 -1.99 16.33 5.21
CA PHE A 171 -1.53 16.67 3.83
C PHE A 171 -1.36 18.18 3.60
N ASP A 172 -2.22 18.95 4.29
CA ASP A 172 -2.18 20.39 4.12
CA ASP A 172 -2.22 20.43 4.24
C ASP A 172 -0.87 21.03 4.58
N THR A 173 -0.25 20.49 5.62
CA THR A 173 1.02 21.00 6.12
C THR A 173 2.25 20.24 5.69
N ALA A 174 2.11 19.00 5.23
CA ALA A 174 3.24 18.23 4.76
C ALA A 174 3.67 18.73 3.38
N PRO A 175 4.89 18.37 2.95
CA PRO A 175 5.29 18.70 1.58
C PRO A 175 4.29 18.18 0.54
N ALA A 176 4.07 18.95 -0.51
CA ALA A 176 3.13 18.58 -1.55
C ALA A 176 3.42 17.22 -2.16
N ASP A 177 4.69 16.84 -2.28
CA ASP A 177 5.03 15.55 -2.89
C ASP A 177 4.75 14.34 -2.00
N LYS A 178 4.22 14.56 -0.78
CA LYS A 178 3.82 13.43 0.06
CA LYS A 178 3.82 13.46 0.11
C LYS A 178 2.32 13.13 -0.05
N ARG A 179 1.59 13.90 -0.84
CA ARG A 179 0.16 13.62 -1.03
CA ARG A 179 0.16 13.64 -1.10
C ARG A 179 -0.04 12.21 -1.63
N SER A 180 -1.17 11.58 -1.29
CA SER A 180 -1.51 10.29 -1.83
C SER A 180 -2.03 10.42 -3.27
N LEU A 181 -1.94 9.31 -4.00
CA LEU A 181 -2.36 9.18 -5.36
C LEU A 181 -3.63 8.36 -5.45
N HIS A 182 -4.50 8.79 -6.37
CA HIS A 182 -5.85 8.24 -6.56
C HIS A 182 -6.04 8.02 -8.04
N TYR A 183 -5.87 6.78 -8.46
CA TYR A 183 -5.85 6.44 -9.88
C TYR A 183 -7.18 6.53 -10.58
N ILE A 184 -7.16 6.95 -11.84
CA ILE A 184 -8.36 6.80 -12.70
C ILE A 184 -8.09 5.79 -13.80
N ALA A 185 -7.22 6.15 -14.74
CA ALA A 185 -6.99 5.30 -15.91
C ALA A 185 -5.75 5.76 -16.66
N GLY A 186 -5.22 4.86 -17.48
CA GLY A 186 -4.04 5.16 -18.24
C GLY A 186 -2.90 5.50 -17.29
N GLY A 187 -2.27 6.63 -17.51
CA GLY A 187 -1.24 7.10 -16.58
C GLY A 187 -1.74 8.20 -15.66
N GLN A 188 -3.05 8.40 -15.62
CA GLN A 188 -3.63 9.55 -14.93
C GLN A 188 -4.18 9.23 -13.54
N PHE A 189 -3.72 10.05 -12.60
CA PHE A 189 -4.06 10.02 -11.20
C PHE A 189 -4.42 11.42 -10.73
N TYR A 190 -5.17 11.47 -9.65
CA TYR A 190 -5.35 12.70 -8.90
C TYR A 190 -4.63 12.56 -7.56
N ALA A 191 -3.96 13.61 -7.15
CA ALA A 191 -3.43 13.71 -5.79
C ALA A 191 -4.59 14.10 -4.87
N ILE A 192 -4.49 13.72 -3.60
CA ILE A 192 -5.47 14.18 -2.64
C ILE A 192 -5.32 15.72 -2.53
N GLY A 193 -6.44 16.37 -2.21
CA GLY A 193 -6.51 17.82 -2.16
C GLY A 193 -6.82 18.46 -0.83
N GLU A 194 -7.63 19.51 -0.90
CA GLU A 194 -7.93 20.41 0.20
C GLU A 194 -8.75 19.77 1.33
N SER A 195 -8.42 20.13 2.57
CA SER A 195 -9.14 19.68 3.73
C SER A 195 -10.42 20.51 3.91
N PHE A 196 -11.49 19.81 4.25
CA PHE A 196 -12.80 20.35 4.61
C PHE A 196 -13.29 19.73 5.91
N ASN A 197 -13.98 20.53 6.73
CA ASN A 197 -14.57 20.11 8.00
CA ASN A 197 -14.58 20.02 7.97
C ASN A 197 -16.06 20.42 7.98
N ALA A 198 -16.91 19.41 8.18
CA ALA A 198 -18.34 19.59 8.27
C ALA A 198 -18.66 20.34 9.57
N ASP A 199 -19.78 21.07 9.54
CA ASP A 199 -20.23 21.88 10.70
C ASP A 199 -20.64 20.99 11.86
#